data_4BJB
#
_entry.id   4BJB
#
_cell.length_a   66.330
_cell.length_b   66.330
_cell.length_c   121.390
_cell.angle_alpha   90.00
_cell.angle_beta   90.00
_cell.angle_gamma   90.00
#
_symmetry.space_group_name_H-M   'P 41 21 2'
#
loop_
_entity.id
_entity.type
_entity.pdbx_description
1 polymer TANKYRASE-2
2 non-polymer 'SULFATE ION'
3 non-polymer GLYCEROL
4 non-polymer 'ZINC ION'
5 non-polymer N~2~,N~2~-DIMETHYL-N~1~-(6-OXO-5,6-DIHYDROPHENANTHRIDIN-2-YL)GLYCINAMIDE
6 water water
#
_entity_poly.entity_id   1
_entity_poly.type   'polypeptide(L)'
_entity_poly.pdbx_seq_one_letter_code
;MHHHHHHSSGVDLGTENLYFQSMLNTSGSGTILIDLSPDDKEFQSVEEEMQSTVREHRDGGHAGGIFNRYNILKIQKVCN
KKLWERYTHRRKEVSEENHNHANERMLFHGSPFVNAIIHKGFDERHAYIGGMFGAGIYFAENSSKSNQYVYGIGGGTGCP
VHKDRSCYICHRQLLFCRVTLGKSFLQFSAMKMAHSPPGHHSVTGRPSVNGLALAEYVIYRGEQAYPEYLITYQIMRPEG
;
_entity_poly.pdbx_strand_id   A
#
loop_
_chem_comp.id
_chem_comp.type
_chem_comp.name
_chem_comp.formula
GOL non-polymer GLYCEROL 'C3 H8 O3'
P34 non-polymer N~2~,N~2~-DIMETHYL-N~1~-(6-OXO-5,6-DIHYDROPHENANTHRIDIN-2-YL)GLYCINAMIDE 'C17 H17 N3 O2'
SO4 non-polymer 'SULFATE ION' 'O4 S -2'
ZN non-polymer 'ZINC ION' 'Zn 2'
#
# COMPACT_ATOMS: atom_id res chain seq x y z
N GLY A 30 -1.19 -21.33 -3.06
CA GLY A 30 -2.18 -21.68 -1.99
C GLY A 30 -2.95 -20.47 -1.46
N THR A 31 -3.11 -19.45 -2.30
CA THR A 31 -3.83 -18.24 -1.90
C THR A 31 -5.33 -18.38 -2.13
N ILE A 32 -6.11 -18.11 -1.09
CA ILE A 32 -7.55 -17.95 -1.23
C ILE A 32 -7.94 -16.53 -0.84
N LEU A 33 -9.04 -16.04 -1.42
CA LEU A 33 -9.55 -14.68 -1.18
C LEU A 33 -10.95 -14.74 -0.58
N ILE A 34 -11.10 -14.30 0.66
CA ILE A 34 -12.38 -14.36 1.35
C ILE A 34 -13.10 -13.02 1.25
N ASP A 35 -14.24 -13.04 0.58
CA ASP A 35 -15.05 -11.85 0.36
C ASP A 35 -15.69 -11.41 1.66
N LEU A 36 -15.59 -10.12 1.98
CA LEU A 36 -16.18 -9.58 3.21
C LEU A 36 -17.50 -8.88 2.90
N SER A 37 -18.49 -9.11 3.75
CA SER A 37 -19.80 -8.49 3.61
C SER A 37 -19.71 -7.01 4.05
N PRO A 38 -20.47 -6.11 3.39
CA PRO A 38 -20.42 -4.68 3.77
C PRO A 38 -20.80 -4.38 5.23
N ASP A 39 -21.61 -5.24 5.85
CA ASP A 39 -21.99 -5.07 7.26
C ASP A 39 -20.98 -5.68 8.25
N ASP A 40 -19.94 -6.34 7.73
CA ASP A 40 -18.86 -6.85 8.56
C ASP A 40 -17.99 -5.70 9.06
N LYS A 41 -17.69 -5.69 10.36
CA LYS A 41 -16.91 -4.61 10.97
C LYS A 41 -15.48 -4.49 10.40
N GLU A 42 -14.94 -5.60 9.91
CA GLU A 42 -13.61 -5.64 9.31
C GLU A 42 -13.64 -5.00 7.92
N PHE A 43 -14.75 -5.16 7.20
CA PHE A 43 -15.00 -4.45 5.94
C PHE A 43 -15.05 -2.95 6.20
N GLN A 44 -15.76 -2.57 7.25
CA GLN A 44 -16.04 -1.16 7.54
C GLN A 44 -14.80 -0.40 7.99
N SER A 45 -13.97 -1.01 8.81
CA SER A 45 -12.76 -0.36 9.29
C SER A 45 -11.73 -0.17 8.15
N VAL A 46 -11.72 -1.09 7.18
CA VAL A 46 -10.83 -0.97 6.03
C VAL A 46 -11.31 0.09 5.05
N GLU A 47 -12.61 0.11 4.74
CA GLU A 47 -13.16 1.17 3.89
C GLU A 47 -12.89 2.55 4.48
N GLU A 48 -13.07 2.69 5.78
CA GLU A 48 -12.85 3.96 6.46
C GLU A 48 -11.38 4.42 6.35
N GLU A 49 -10.43 3.48 6.30
CA GLU A 49 -9.02 3.83 6.07
C GLU A 49 -8.75 4.25 4.62
N MET A 50 -9.34 3.54 3.66
CA MET A 50 -9.30 3.98 2.26
C MET A 50 -9.78 5.44 2.13
N GLN A 51 -10.97 5.71 2.65
CA GLN A 51 -11.67 6.97 2.40
C GLN A 51 -11.07 8.16 3.12
N SER A 52 -10.74 7.98 4.40
CA SER A 52 -10.28 9.09 5.22
C SER A 52 -8.81 9.48 4.98
N THR A 53 -8.07 8.70 4.19
CA THR A 53 -6.68 9.04 3.86
C THR A 53 -6.50 9.55 2.42
N VAL A 54 -7.60 9.94 1.77
CA VAL A 54 -7.53 10.62 0.48
C VAL A 54 -7.03 12.05 0.72
N ARG A 55 -6.10 12.52 -0.12
CA ARG A 55 -5.68 13.91 -0.10
C ARG A 55 -5.57 14.48 -1.51
N GLU A 56 -5.44 15.79 -1.61
CA GLU A 56 -5.12 16.43 -2.87
C GLU A 56 -3.64 16.18 -3.16
N HIS A 57 -3.29 16.12 -4.44
CA HIS A 57 -1.91 15.90 -4.86
C HIS A 57 -1.39 17.07 -5.66
N ARG A 58 -0.10 17.35 -5.50
CA ARG A 58 0.50 18.54 -6.12
C ARG A 58 0.50 18.53 -7.66
N ASP A 59 0.20 17.38 -8.27
CA ASP A 59 0.02 17.30 -9.74
C ASP A 59 -1.40 17.63 -10.22
N GLY A 60 -2.28 18.04 -9.30
CA GLY A 60 -3.69 18.31 -9.64
C GLY A 60 -4.47 17.12 -10.18
N GLY A 61 -4.02 15.91 -9.86
CA GLY A 61 -4.68 14.68 -10.29
C GLY A 61 -4.14 14.05 -11.57
N HIS A 62 -3.01 14.54 -12.04
CA HIS A 62 -2.45 14.07 -13.31
C HIS A 62 -2.19 12.57 -13.31
N ALA A 63 -1.57 12.07 -12.24
CA ALA A 63 -1.15 10.67 -12.20
C ALA A 63 -2.28 9.70 -11.82
N GLY A 64 -3.07 10.05 -10.82
CA GLY A 64 -4.07 9.14 -10.24
C GLY A 64 -5.53 9.48 -10.54
N GLY A 65 -5.80 10.71 -10.96
CA GLY A 65 -7.16 11.15 -11.27
C GLY A 65 -7.61 12.24 -10.32
N ILE A 66 -8.80 12.79 -10.61
CA ILE A 66 -9.36 13.89 -9.81
C ILE A 66 -10.55 13.38 -9.02
N PHE A 67 -10.41 13.33 -7.70
CA PHE A 67 -11.42 12.75 -6.82
C PHE A 67 -11.18 13.13 -5.37
N ASN A 68 -12.26 13.11 -4.59
CA ASN A 68 -12.22 13.32 -3.14
C ASN A 68 -12.56 12.05 -2.34
N ARG A 69 -13.12 11.04 -3.00
CA ARG A 69 -13.49 9.79 -2.36
C ARG A 69 -13.65 8.69 -3.40
N TYR A 70 -13.82 7.45 -2.93
CA TYR A 70 -13.97 6.29 -3.81
C TYR A 70 -15.35 5.65 -3.70
N ASN A 71 -15.66 4.82 -4.70
CA ASN A 71 -16.74 3.86 -4.61
C ASN A 71 -16.13 2.49 -4.36
N ILE A 72 -16.30 1.97 -3.14
CA ILE A 72 -15.74 0.66 -2.78
C ILE A 72 -16.67 -0.43 -3.31
N LEU A 73 -16.14 -1.29 -4.17
CA LEU A 73 -16.93 -2.32 -4.84
C LEU A 73 -16.83 -3.67 -4.13
N LYS A 74 -15.71 -3.90 -3.44
CA LYS A 74 -15.37 -5.23 -2.95
C LYS A 74 -14.14 -5.15 -2.04
N ILE A 75 -14.16 -5.89 -0.94
CA ILE A 75 -12.98 -6.05 -0.09
C ILE A 75 -12.82 -7.53 0.20
N GLN A 76 -11.64 -8.06 -0.11
CA GLN A 76 -11.33 -9.47 0.08
C GLN A 76 -10.13 -9.65 0.98
N LYS A 77 -10.26 -10.55 1.95
CA LYS A 77 -9.17 -10.91 2.83
C LYS A 77 -8.28 -11.95 2.16
N VAL A 78 -6.97 -11.73 2.17
CA VAL A 78 -6.01 -12.61 1.50
C VAL A 78 -5.41 -13.61 2.50
N CYS A 79 -5.65 -14.89 2.26
CA CYS A 79 -5.17 -15.96 3.13
CA CYS A 79 -5.17 -15.96 3.13
C CYS A 79 -4.17 -16.84 2.39
N ASN A 80 -2.91 -16.84 2.86
CA ASN A 80 -1.87 -17.69 2.33
C ASN A 80 -0.93 -18.09 3.47
N LYS A 81 -0.94 -19.37 3.80
CA LYS A 81 -0.27 -19.90 4.97
C LYS A 81 1.25 -19.85 4.81
N LYS A 82 1.74 -20.13 3.61
CA LYS A 82 3.16 -20.04 3.29
C LYS A 82 3.67 -18.62 3.51
N LEU A 83 3.04 -17.66 2.82
CA LEU A 83 3.48 -16.27 2.85
C LEU A 83 3.33 -15.64 4.24
N TRP A 84 2.31 -16.07 4.99
CA TRP A 84 2.10 -15.57 6.34
C TRP A 84 3.21 -16.02 7.29
N GLU A 85 3.55 -17.31 7.25
CA GLU A 85 4.62 -17.86 8.09
C GLU A 85 5.97 -17.23 7.78
N ARG A 86 6.19 -16.94 6.50
CA ARG A 86 7.38 -16.24 6.02
C ARG A 86 7.43 -14.80 6.55
N TYR A 87 6.28 -14.15 6.67
CA TYR A 87 6.20 -12.80 7.22
C TYR A 87 6.53 -12.81 8.72
N THR A 88 5.91 -13.74 9.45
CA THR A 88 6.05 -13.80 10.90
C THR A 88 7.44 -14.23 11.34
N HIS A 89 8.09 -15.09 10.56
CA HIS A 89 9.47 -15.48 10.85
C HIS A 89 10.41 -14.26 10.83
N ARG A 90 10.34 -13.48 9.75
CA ARG A 90 11.14 -12.27 9.62
C ARG A 90 10.78 -11.19 10.66
N ARG A 91 9.49 -11.09 11.01
CA ARG A 91 9.04 -10.10 11.98
C ARG A 91 9.63 -10.36 13.37
N LYS A 92 9.76 -11.63 13.72
CA LYS A 92 10.37 -12.05 14.97
C LYS A 92 11.87 -11.74 14.98
N GLU A 93 12.54 -11.96 13.86
CA GLU A 93 13.95 -11.59 13.72
C GLU A 93 14.15 -10.09 13.91
N VAL A 94 13.29 -9.30 13.28
CA VAL A 94 13.38 -7.85 13.35
C VAL A 94 13.16 -7.37 14.80
N SER A 95 12.10 -7.87 15.43
CA SER A 95 11.75 -7.42 16.78
C SER A 95 12.83 -7.76 17.80
N GLU A 96 13.50 -8.89 17.59
CA GLU A 96 14.62 -9.29 18.46
C GLU A 96 15.86 -8.40 18.30
N GLU A 97 16.01 -7.80 17.13
CA GLU A 97 17.07 -6.82 16.88
C GLU A 97 16.66 -5.38 17.28
N ASN A 98 15.45 -5.21 17.78
CA ASN A 98 14.93 -3.86 18.05
C ASN A 98 14.10 -3.82 19.34
N HIS A 99 14.75 -4.20 20.44
CA HIS A 99 14.14 -4.27 21.77
C HIS A 99 12.68 -4.76 21.78
N ASN A 100 12.45 -5.91 21.14
CA ASN A 100 11.13 -6.55 21.10
CA ASN A 100 11.13 -6.55 21.12
C ASN A 100 10.05 -5.63 20.52
N HIS A 101 10.43 -4.91 19.46
CA HIS A 101 9.52 -3.99 18.78
C HIS A 101 9.61 -4.13 17.26
N ALA A 102 8.61 -4.80 16.69
CA ALA A 102 8.53 -4.97 15.23
C ALA A 102 8.20 -3.66 14.49
N ASN A 103 7.53 -2.72 15.16
CA ASN A 103 7.12 -1.47 14.55
C ASN A 103 6.25 -1.74 13.31
N GLU A 104 5.21 -2.54 13.53
CA GLU A 104 4.30 -3.00 12.48
C GLU A 104 3.19 -1.99 12.16
N ARG A 105 3.01 -1.69 10.89
CA ARG A 105 1.98 -0.75 10.41
C ARG A 105 1.04 -1.44 9.42
N MET A 106 -0.10 -0.80 9.17
CA MET A 106 -0.98 -1.17 8.05
C MET A 106 -0.90 -0.05 7.01
N LEU A 107 -0.47 -0.39 5.80
CA LEU A 107 -0.13 0.59 4.79
C LEU A 107 -0.65 0.18 3.42
N PHE A 108 -0.82 1.16 2.53
CA PHE A 108 -1.33 0.92 1.19
C PHE A 108 -0.20 0.66 0.19
N HIS A 109 -0.48 -0.17 -0.81
CA HIS A 109 0.44 -0.40 -1.91
C HIS A 109 -0.32 -0.51 -3.22
N GLY A 110 0.04 0.34 -4.17
CA GLY A 110 -0.57 0.36 -5.49
C GLY A 110 0.42 -0.11 -6.54
N SER A 111 -0.01 -1.03 -7.39
CA SER A 111 0.85 -1.63 -8.39
C SER A 111 0.01 -2.29 -9.50
N PRO A 112 0.53 -2.31 -10.74
CA PRO A 112 -0.09 -3.12 -11.80
C PRO A 112 0.01 -4.63 -11.57
N PHE A 113 0.90 -5.07 -10.68
CA PHE A 113 1.19 -6.50 -10.49
C PHE A 113 0.60 -7.07 -9.20
N VAL A 114 -0.54 -6.55 -8.77
CA VAL A 114 -1.23 -7.03 -7.56
C VAL A 114 -1.51 -8.54 -7.63
N ASN A 115 -1.86 -9.03 -8.81
CA ASN A 115 -2.14 -10.45 -9.02
C ASN A 115 -0.95 -11.35 -8.63
N ALA A 116 0.24 -10.99 -9.09
CA ALA A 116 1.45 -11.70 -8.71
C ALA A 116 1.73 -11.57 -7.21
N ILE A 117 1.58 -10.36 -6.68
CA ILE A 117 1.87 -10.10 -5.26
C ILE A 117 1.05 -11.00 -4.33
N ILE A 118 -0.27 -11.06 -4.53
CA ILE A 118 -1.14 -11.86 -3.64
C ILE A 118 -0.85 -13.37 -3.69
N HIS A 119 -0.31 -13.85 -4.80
CA HIS A 119 -0.01 -15.29 -4.97
C HIS A 119 1.44 -15.64 -4.62
N LYS A 120 2.37 -14.78 -5.01
CA LYS A 120 3.80 -15.08 -4.87
C LYS A 120 4.49 -14.27 -3.77
N GLY A 121 3.81 -13.27 -3.21
CA GLY A 121 4.39 -12.40 -2.18
C GLY A 121 5.15 -11.26 -2.82
N PHE A 122 5.57 -10.29 -2.02
CA PHE A 122 6.42 -9.22 -2.52
C PHE A 122 7.80 -9.80 -2.80
N ASP A 123 8.43 -9.35 -3.88
CA ASP A 123 9.71 -9.89 -4.32
C ASP A 123 10.78 -8.81 -4.36
N GLU A 124 11.87 -9.05 -3.64
CA GLU A 124 13.05 -8.16 -3.60
C GLU A 124 12.71 -6.67 -3.51
N MET A 132 12.67 7.26 -4.92
CA MET A 132 12.77 8.35 -3.95
C MET A 132 13.63 7.98 -2.74
N PHE A 133 13.59 6.70 -2.34
CA PHE A 133 14.38 6.21 -1.21
C PHE A 133 15.02 4.85 -1.50
N GLY A 134 15.42 4.62 -2.75
CA GLY A 134 16.13 3.39 -3.14
C GLY A 134 15.37 2.47 -4.09
N ALA A 135 15.89 1.26 -4.26
CA ALA A 135 15.30 0.26 -5.16
C ALA A 135 14.54 -0.80 -4.35
N GLY A 136 13.67 -0.33 -3.46
CA GLY A 136 12.90 -1.20 -2.59
C GLY A 136 11.42 -1.21 -2.95
N ILE A 137 10.62 -1.70 -2.01
CA ILE A 137 9.17 -1.78 -2.18
C ILE A 137 8.53 -0.66 -1.39
N TYR A 138 7.69 0.14 -2.06
CA TYR A 138 7.15 1.37 -1.48
C TYR A 138 5.72 1.23 -0.96
N PHE A 139 5.44 1.90 0.16
CA PHE A 139 4.12 1.89 0.81
C PHE A 139 3.72 3.30 1.25
N ALA A 140 2.41 3.54 1.37
CA ALA A 140 1.89 4.87 1.71
C ALA A 140 0.80 4.84 2.77
N GLU A 141 0.74 5.91 3.57
CA GLU A 141 -0.37 6.11 4.51
C GLU A 141 -1.57 6.71 3.79
N ASN A 142 -1.33 7.52 2.76
CA ASN A 142 -2.38 8.06 1.92
C ASN A 142 -2.79 7.04 0.86
N SER A 143 -4.03 6.57 0.90
CA SER A 143 -4.54 5.67 -0.13
C SER A 143 -4.40 6.30 -1.53
N SER A 144 -4.59 7.61 -1.60
CA SER A 144 -4.56 8.32 -2.88
C SER A 144 -3.14 8.41 -3.48
N LYS A 145 -2.11 8.34 -2.64
CA LYS A 145 -0.73 8.25 -3.13
C LYS A 145 -0.50 6.90 -3.84
N SER A 146 -0.92 5.80 -3.21
CA SER A 146 -0.80 4.49 -3.83
C SER A 146 -1.65 4.37 -5.10
N ASN A 147 -2.78 5.06 -5.13
CA ASN A 147 -3.64 5.10 -6.30
C ASN A 147 -2.95 5.66 -7.56
N GLN A 148 -1.91 6.47 -7.37
CA GLN A 148 -1.12 6.98 -8.49
C GLN A 148 -0.29 5.93 -9.20
N TYR A 149 -0.10 4.76 -8.56
CA TYR A 149 0.73 3.70 -9.12
C TYR A 149 -0.05 2.47 -9.60
N VAL A 150 -1.37 2.53 -9.53
CA VAL A 150 -2.21 1.40 -9.95
C VAL A 150 -1.96 1.03 -11.41
N TYR A 151 -1.95 2.03 -12.29
CA TYR A 151 -1.66 1.79 -13.70
C TYR A 151 -0.18 1.96 -14.09
N GLY A 152 0.72 2.02 -13.11
CA GLY A 152 2.17 2.12 -13.38
C GLY A 152 2.78 3.42 -12.90
N ILE A 153 4.06 3.63 -13.23
CA ILE A 153 4.82 4.77 -12.70
C ILE A 153 4.22 6.09 -13.19
N GLY A 154 3.90 6.98 -12.25
CA GLY A 154 3.24 8.24 -12.57
C GLY A 154 1.87 8.06 -13.19
N GLY A 155 1.25 6.89 -12.93
CA GLY A 155 -0.04 6.55 -13.51
C GLY A 155 0.02 5.93 -14.91
N GLY A 156 1.23 5.71 -15.42
CA GLY A 156 1.42 5.11 -16.76
C GLY A 156 0.60 5.80 -17.83
N THR A 157 0.00 5.02 -18.71
CA THR A 157 -0.91 5.54 -19.73
C THR A 157 -2.38 5.50 -19.26
N GLY A 158 -2.60 5.27 -17.98
CA GLY A 158 -3.96 5.19 -17.44
C GLY A 158 -4.55 3.82 -17.66
N CYS A 159 -5.88 3.74 -17.59
CA CYS A 159 -6.56 2.44 -17.67
C CYS A 159 -6.35 1.76 -19.01
N PRO A 160 -6.30 0.41 -19.02
CA PRO A 160 -6.08 -0.32 -20.27
C PRO A 160 -7.15 -0.11 -21.36
N VAL A 161 -8.37 0.24 -20.97
CA VAL A 161 -9.49 0.37 -21.91
C VAL A 161 -9.52 1.74 -22.57
N HIS A 162 -9.60 2.80 -21.75
CA HIS A 162 -9.76 4.17 -22.26
C HIS A 162 -8.47 4.98 -22.32
N LYS A 163 -7.34 4.40 -21.91
CA LYS A 163 -6.09 5.15 -21.73
C LYS A 163 -6.30 6.44 -20.91
N ASP A 164 -7.10 6.33 -19.85
CA ASP A 164 -7.49 7.51 -19.06
C ASP A 164 -7.04 7.30 -17.62
N ARG A 165 -6.21 8.22 -17.13
CA ARG A 165 -5.66 8.13 -15.79
C ARG A 165 -6.67 8.61 -14.75
N SER A 166 -7.67 9.37 -15.21
CA SER A 166 -8.78 9.80 -14.36
C SER A 166 -10.09 9.06 -14.69
N CYS A 167 -9.99 7.85 -15.26
CA CYS A 167 -11.17 7.06 -15.63
C CYS A 167 -12.07 6.82 -14.41
N TYR A 168 -13.34 7.19 -14.52
CA TYR A 168 -14.32 6.99 -13.47
C TYR A 168 -15.11 5.70 -13.65
N ILE A 169 -14.71 4.89 -14.64
CA ILE A 169 -15.46 3.72 -15.07
C ILE A 169 -14.71 2.43 -14.74
N CYS A 170 -13.47 2.29 -15.20
CA CYS A 170 -12.71 1.04 -15.02
C CYS A 170 -12.47 0.73 -13.52
N HIS A 171 -12.32 -0.57 -13.22
CA HIS A 171 -12.16 -1.04 -11.85
C HIS A 171 -10.69 -1.01 -11.44
N ARG A 172 -10.38 -0.36 -10.32
CA ARG A 172 -9.01 -0.29 -9.80
C ARG A 172 -8.87 -1.24 -8.63
N GLN A 173 -7.64 -1.63 -8.33
CA GLN A 173 -7.37 -2.47 -7.17
C GLN A 173 -6.15 -1.98 -6.38
N LEU A 174 -6.30 -1.89 -5.06
CA LEU A 174 -5.21 -1.57 -4.13
C LEU A 174 -5.01 -2.68 -3.10
N LEU A 175 -3.80 -2.78 -2.55
CA LEU A 175 -3.52 -3.69 -1.44
C LEU A 175 -3.37 -2.89 -0.14
N PHE A 176 -3.95 -3.41 0.94
CA PHE A 176 -3.78 -2.87 2.30
C PHE A 176 -2.97 -3.91 3.08
N CYS A 177 -1.74 -3.54 3.44
CA CYS A 177 -0.71 -4.50 3.84
C CYS A 177 -0.20 -4.30 5.27
N ARG A 178 0.11 -5.42 5.90
CA ARG A 178 0.76 -5.45 7.20
C ARG A 178 2.27 -5.42 6.95
N VAL A 179 2.95 -4.39 7.45
CA VAL A 179 4.35 -4.10 7.11
C VAL A 179 5.23 -3.95 8.37
N THR A 180 6.33 -4.71 8.42
CA THR A 180 7.30 -4.62 9.50
C THR A 180 8.36 -3.57 9.17
N LEU A 181 8.45 -2.52 9.99
CA LEU A 181 9.42 -1.42 9.77
C LEU A 181 10.69 -1.51 10.61
N GLY A 182 10.63 -2.22 11.74
CA GLY A 182 11.71 -2.21 12.72
C GLY A 182 12.24 -0.81 13.01
N LYS A 183 13.54 -0.70 13.20
CA LYS A 183 14.23 0.57 13.29
C LYS A 183 14.25 1.21 11.90
N SER A 184 13.50 2.31 11.74
CA SER A 184 13.37 2.95 10.43
C SER A 184 14.28 4.17 10.34
N PHE A 185 14.98 4.28 9.22
CA PHE A 185 15.87 5.40 8.93
C PHE A 185 15.00 6.60 8.53
N LEU A 186 15.11 7.69 9.28
CA LEU A 186 14.32 8.89 9.02
C LEU A 186 14.92 9.72 7.89
N GLN A 187 14.10 9.98 6.88
CA GLN A 187 14.50 10.74 5.71
C GLN A 187 13.56 11.93 5.55
N PHE A 188 14.09 13.14 5.69
CA PHE A 188 13.28 14.36 5.54
C PHE A 188 13.16 14.67 4.05
N SER A 189 11.94 14.58 3.52
CA SER A 189 11.71 14.42 2.09
C SER A 189 10.87 15.53 1.48
N ALA A 190 11.05 15.76 0.19
CA ALA A 190 10.30 16.77 -0.55
C ALA A 190 9.36 16.13 -1.57
N ALA A 194 18.53 -3.65 -3.54
CA ALA A 194 19.15 -2.72 -2.60
C ALA A 194 19.01 -3.20 -1.16
N HIS A 195 19.62 -2.46 -0.24
CA HIS A 195 19.57 -2.79 1.18
C HIS A 195 19.16 -1.57 2.01
N SER A 196 18.70 -1.82 3.23
CA SER A 196 18.44 -0.76 4.20
C SER A 196 19.78 -0.17 4.62
N PRO A 197 19.77 1.06 5.17
CA PRO A 197 21.02 1.57 5.75
C PRO A 197 21.51 0.66 6.88
N PRO A 198 22.84 0.51 7.05
CA PRO A 198 23.35 -0.33 8.13
C PRO A 198 22.70 -0.05 9.49
N GLY A 199 22.28 -1.10 10.18
CA GLY A 199 21.59 -0.98 11.47
C GLY A 199 20.13 -0.57 11.39
N HIS A 200 19.57 -0.56 10.18
CA HIS A 200 18.16 -0.23 9.98
C HIS A 200 17.43 -1.32 9.22
N HIS A 201 16.10 -1.33 9.33
CA HIS A 201 15.26 -2.32 8.68
C HIS A 201 14.32 -1.73 7.61
N SER A 202 14.30 -0.41 7.48
CA SER A 202 13.40 0.28 6.54
C SER A 202 13.77 1.75 6.46
N VAL A 203 13.11 2.47 5.55
CA VAL A 203 13.24 3.92 5.47
C VAL A 203 11.85 4.55 5.60
N THR A 204 11.77 5.61 6.41
CA THR A 204 10.59 6.46 6.50
C THR A 204 10.85 7.79 5.78
N GLY A 205 10.03 8.10 4.79
CA GLY A 205 10.11 9.38 4.08
C GLY A 205 9.17 10.38 4.71
N ARG A 206 9.71 11.23 5.58
CA ARG A 206 8.91 12.25 6.26
C ARG A 206 8.70 13.43 5.31
N PRO A 207 7.43 13.81 5.04
CA PRO A 207 7.19 14.95 4.17
C PRO A 207 7.66 16.27 4.82
N SER A 208 8.75 16.83 4.29
CA SER A 208 9.40 18.01 4.88
C SER A 208 8.86 19.34 4.34
N VAL A 209 8.28 19.32 3.14
CA VAL A 209 7.70 20.53 2.54
C VAL A 209 6.20 20.39 2.35
N ASN A 210 5.77 19.28 1.73
CA ASN A 210 4.37 19.07 1.36
C ASN A 210 3.41 19.29 2.54
N GLY A 211 2.40 20.12 2.31
CA GLY A 211 1.54 20.62 3.38
C GLY A 211 0.74 19.57 4.12
N LEU A 212 -0.06 18.80 3.39
CA LEU A 212 -1.00 17.84 4.00
C LEU A 212 -0.63 16.37 3.76
N ALA A 213 0.57 16.11 3.24
CA ALA A 213 0.99 14.75 2.93
C ALA A 213 1.23 13.95 4.21
N LEU A 214 0.92 12.65 4.17
CA LEU A 214 1.32 11.74 5.23
C LEU A 214 2.56 10.99 4.76
N ALA A 215 3.12 10.15 5.62
CA ALA A 215 4.39 9.52 5.33
C ALA A 215 4.32 8.43 4.25
N GLU A 216 5.47 8.14 3.67
CA GLU A 216 5.67 7.03 2.75
C GLU A 216 6.84 6.22 3.30
N TYR A 217 6.87 4.92 3.02
CA TYR A 217 7.85 4.01 3.61
C TYR A 217 8.47 3.08 2.55
N VAL A 218 9.68 2.62 2.82
CA VAL A 218 10.36 1.68 1.93
C VAL A 218 10.99 0.55 2.71
N ILE A 219 10.78 -0.67 2.22
CA ILE A 219 11.45 -1.87 2.73
C ILE A 219 12.24 -2.49 1.58
N TYR A 220 13.20 -3.35 1.92
CA TYR A 220 14.07 -3.99 0.93
C TYR A 220 14.06 -5.52 1.02
N ARG A 221 13.19 -6.05 1.87
CA ARG A 221 12.98 -7.47 2.01
C ARG A 221 11.50 -7.74 1.80
N GLY A 222 11.17 -8.48 0.74
CA GLY A 222 9.78 -8.79 0.42
C GLY A 222 9.02 -9.44 1.56
N GLU A 223 9.73 -10.21 2.38
CA GLU A 223 9.12 -10.91 3.52
C GLU A 223 8.79 -10.00 4.74
N GLN A 224 9.06 -8.70 4.64
CA GLN A 224 8.66 -7.74 5.70
C GLN A 224 7.27 -7.10 5.44
N ALA A 225 6.53 -7.62 4.47
CA ALA A 225 5.17 -7.18 4.20
C ALA A 225 4.27 -8.36 3.81
N TYR A 226 3.05 -8.36 4.33
CA TYR A 226 2.03 -9.35 3.97
C TYR A 226 0.81 -8.62 3.41
N PRO A 227 0.40 -8.97 2.16
CA PRO A 227 -0.78 -8.33 1.55
C PRO A 227 -2.06 -8.89 2.15
N GLU A 228 -2.71 -8.14 3.02
CA GLU A 228 -3.78 -8.72 3.82
C GLU A 228 -5.19 -8.48 3.27
N TYR A 229 -5.40 -7.36 2.59
CA TYR A 229 -6.69 -7.06 1.95
C TYR A 229 -6.49 -6.61 0.51
N LEU A 230 -7.34 -7.11 -0.37
CA LEU A 230 -7.40 -6.67 -1.76
C LEU A 230 -8.68 -5.85 -1.90
N ILE A 231 -8.53 -4.58 -2.30
CA ILE A 231 -9.65 -3.65 -2.34
C ILE A 231 -9.94 -3.27 -3.79
N THR A 232 -11.17 -3.47 -4.23
CA THR A 232 -11.58 -3.14 -5.59
C THR A 232 -12.51 -1.94 -5.54
N TYR A 233 -12.26 -0.96 -6.41
CA TYR A 233 -12.92 0.34 -6.30
C TYR A 233 -12.92 1.15 -7.58
N GLN A 234 -13.62 2.27 -7.54
CA GLN A 234 -13.56 3.30 -8.56
C GLN A 234 -13.32 4.62 -7.84
N ILE A 235 -12.59 5.53 -8.47
CA ILE A 235 -12.54 6.92 -8.01
C ILE A 235 -13.84 7.61 -8.41
N MET A 236 -14.25 8.62 -7.65
CA MET A 236 -15.52 9.31 -7.91
C MET A 236 -15.33 10.77 -8.30
N ARG A 237 -16.03 11.15 -9.37
CA ARG A 237 -15.98 12.52 -9.91
C ARG A 237 -16.65 13.49 -8.94
N PRO A 238 -15.94 14.57 -8.55
CA PRO A 238 -16.57 15.60 -7.73
C PRO A 238 -17.80 16.22 -8.40
N GLU A 239 -18.82 16.55 -7.60
CA GLU A 239 -20.08 17.07 -8.15
C GLU A 239 -20.02 18.56 -8.42
S SO4 B . 2.37 14.64 -4.11
O1 SO4 B . 3.32 15.25 -5.06
O2 SO4 B . 1.29 15.58 -3.80
O3 SO4 B . 3.09 14.34 -2.85
O4 SO4 B . 1.85 13.39 -4.69
S SO4 C . -17.69 15.01 -3.68
O1 SO4 C . -16.34 15.58 -3.59
O2 SO4 C . -18.65 16.08 -4.02
O3 SO4 C . -18.05 14.42 -2.37
O4 SO4 C . -17.74 13.94 -4.71
C1 GOL D . 5.29 19.41 6.45
O1 GOL D . 5.82 19.23 5.14
C2 GOL D . 5.23 20.91 6.76
O2 GOL D . 3.88 21.32 6.87
C3 GOL D . 6.00 21.19 8.05
O3 GOL D . 7.39 21.39 7.78
ZN ZN E . -11.36 3.29 -18.10
CAA P34 F . 12.22 4.36 -9.17
N P34 F . 10.88 4.91 -9.01
CAB P34 F . 10.28 5.51 -10.21
CA P34 F . 10.10 3.65 -8.84
C P34 F . 8.79 3.88 -8.06
O P34 F . 8.42 5.03 -7.77
NAM P34 F . 8.15 2.73 -7.75
CAP P34 F . 7.00 2.64 -7.05
CAK P34 F . 6.62 3.48 -5.98
CAU P34 F . 5.40 3.29 -5.30
CAT P34 F . 4.98 4.11 -4.23
CAI P34 F . 5.76 5.20 -3.78
CAF P34 F . 5.34 6.00 -2.74
CAE P34 F . 4.13 5.74 -2.10
CAH P34 F . 3.35 4.67 -2.51
CAS P34 F . 3.76 3.85 -3.57
CAQ P34 F . 2.95 2.79 -3.97
OAD P34 F . 1.88 2.53 -3.43
NAN P34 F . 3.36 1.97 -5.02
CAR P34 F . 4.58 2.21 -5.68
CAJ P34 F . 4.96 1.38 -6.72
CAG P34 F . 6.16 1.58 -7.39
#